data_6JNJ
#
_entry.id   6JNJ
#
_cell.length_a   55.700
_cell.length_b   63.470
_cell.length_c   66.170
_cell.angle_alpha   107.770
_cell.angle_beta   100.700
_cell.angle_gamma   115.980
#
_symmetry.space_group_name_H-M   'P 1'
#
loop_
_entity.id
_entity.type
_entity.pdbx_description
1 polymer 'L-arabinose 1-dehydrogenase (NAD(P)(+))'
2 non-polymer 'PHOSPHATE ION'
3 water water
#
_entity_poly.entity_id   1
_entity_poly.type   'polypeptide(L)'
_entity_poly.pdbx_seq_one_letter_code
;GPMSDQVSLGVVGIGKIARDQHLPAIDAEPGFKLTACASRHAEVTGVRNYRDLRALLAAERELDAVSLCAPPQVRYAQAR
AALEAGKHVMLEKPPGATLGEVAVLEALARERGLTLFATWHSRCASAVEPAREWLATRAIRAVQVRWKEDVRRWHPGQQW
IWEPGGLGVFDPGINALSIVTRILPRELVLREATLIVPSDVQTPIAAELDCADTDGVPVRAEFDWRHGPVEQWEIAVDTA
DGVLAISRGGAQLSIAGEPVELGPEREYPALYAHFHALIARGESDVDVRPLRLVADAFLFGRRVQTDAFGR
;
_entity_poly.pdbx_strand_id   A,B
#
loop_
_chem_comp.id
_chem_comp.type
_chem_comp.name
_chem_comp.formula
PO4 non-polymer 'PHOSPHATE ION' 'O4 P -3'
#
# COMPACT_ATOMS: atom_id res chain seq x y z
N GLN A 6 -25.69 -16.47 21.62
CA GLN A 6 -24.76 -15.47 22.14
C GLN A 6 -23.31 -15.81 21.78
N VAL A 7 -22.62 -14.83 21.21
CA VAL A 7 -21.19 -14.96 20.91
C VAL A 7 -20.40 -14.45 22.10
N SER A 8 -19.60 -15.31 22.70
CA SER A 8 -18.78 -14.87 23.81
C SER A 8 -17.61 -14.07 23.27
N LEU A 9 -17.34 -12.95 23.92
CA LEU A 9 -16.48 -11.92 23.36
C LEU A 9 -15.45 -11.46 24.36
N GLY A 10 -14.21 -11.34 23.93
CA GLY A 10 -13.15 -10.71 24.70
C GLY A 10 -12.77 -9.40 24.04
N VAL A 11 -12.50 -8.37 24.86
CA VAL A 11 -12.04 -7.09 24.36
C VAL A 11 -10.59 -6.90 24.77
N VAL A 12 -9.76 -6.51 23.82
CA VAL A 12 -8.32 -6.42 24.01
C VAL A 12 -7.90 -4.97 23.85
N GLY A 13 -7.38 -4.39 24.94
CA GLY A 13 -7.00 -3.00 24.92
C GLY A 13 -8.12 -2.20 25.51
N ILE A 14 -8.00 -1.87 26.79
CA ILE A 14 -9.05 -1.11 27.45
C ILE A 14 -8.53 0.30 27.72
N GLY A 15 -8.56 1.13 26.69
CA GLY A 15 -8.38 2.56 26.82
C GLY A 15 -9.71 3.28 26.79
N LYS A 16 -9.65 4.59 26.52
CA LYS A 16 -10.87 5.35 26.70
C LYS A 16 -11.89 5.09 25.58
N ILE A 17 -11.45 4.71 24.38
CA ILE A 17 -12.41 4.37 23.35
C ILE A 17 -13.11 3.05 23.69
N ALA A 18 -12.35 2.10 24.22
CA ALA A 18 -12.97 0.85 24.70
C ALA A 18 -13.95 1.14 25.82
N ARG A 19 -13.54 1.93 26.81
CA ARG A 19 -14.42 2.21 27.95
C ARG A 19 -15.63 3.03 27.53
N ASP A 20 -15.45 3.96 26.58
CA ASP A 20 -16.53 4.90 26.25
C ASP A 20 -17.38 4.45 25.07
N GLN A 21 -16.84 3.69 24.13
CA GLN A 21 -17.62 3.27 22.96
C GLN A 21 -17.84 1.77 22.89
N HIS A 22 -16.80 0.96 23.06
CA HIS A 22 -16.94 -0.47 22.81
C HIS A 22 -17.77 -1.16 23.88
N LEU A 23 -17.35 -1.03 25.14
CA LEU A 23 -18.07 -1.71 26.21
C LEU A 23 -19.53 -1.29 26.27
N PRO A 24 -19.90 0.01 26.22
CA PRO A 24 -21.33 0.33 26.19
C PRO A 24 -22.07 -0.30 25.01
N ALA A 25 -21.46 -0.32 23.82
CA ALA A 25 -22.12 -0.94 22.67
C ALA A 25 -22.29 -2.43 22.85
N ILE A 26 -21.26 -3.11 23.36
CA ILE A 26 -21.34 -4.55 23.59
C ILE A 26 -22.40 -4.86 24.64
N ASP A 27 -22.34 -4.16 25.77
CA ASP A 27 -23.25 -4.44 26.87
C ASP A 27 -24.71 -4.24 26.45
N ALA A 28 -24.95 -3.38 25.49
CA ALA A 28 -26.29 -3.14 24.99
C ALA A 28 -26.66 -4.06 23.83
N GLU A 29 -25.78 -5.01 23.46
CA GLU A 29 -26.10 -5.90 22.35
C GLU A 29 -26.22 -7.33 22.86
N PRO A 30 -27.42 -7.86 23.02
CA PRO A 30 -27.57 -9.22 23.58
C PRO A 30 -26.96 -10.31 22.72
N GLY A 31 -26.66 -10.04 21.44
CA GLY A 31 -25.96 -11.00 20.60
C GLY A 31 -24.56 -11.35 21.05
N PHE A 32 -23.98 -10.56 21.94
CA PHE A 32 -22.68 -10.85 22.51
C PHE A 32 -22.80 -11.00 24.01
N LYS A 33 -21.88 -11.77 24.58
CA LYS A 33 -21.72 -11.83 26.03
C LYS A 33 -20.28 -11.43 26.32
N LEU A 34 -20.09 -10.26 26.92
CA LEU A 34 -18.75 -9.83 27.30
C LEU A 34 -18.22 -10.74 28.38
N THR A 35 -17.13 -11.42 28.10
CA THR A 35 -16.62 -12.52 28.91
C THR A 35 -15.26 -12.21 29.53
N ALA A 36 -14.38 -11.54 28.80
CA ALA A 36 -13.02 -11.35 29.25
C ALA A 36 -12.51 -10.04 28.67
N CYS A 37 -11.61 -9.40 29.41
CA CYS A 37 -10.87 -8.25 28.90
C CYS A 37 -9.39 -8.43 29.19
N ALA A 38 -8.57 -7.88 28.30
CA ALA A 38 -7.13 -7.86 28.46
C ALA A 38 -6.63 -6.42 28.34
N SER A 39 -5.88 -6.00 29.34
CA SER A 39 -5.26 -4.68 29.34
C SER A 39 -4.20 -4.68 30.43
N ARG A 40 -3.15 -3.88 30.23
CA ARG A 40 -2.18 -3.72 31.29
C ARG A 40 -2.60 -2.69 32.34
N HIS A 41 -3.69 -1.98 32.09
CA HIS A 41 -4.19 -0.94 32.99
C HIS A 41 -5.10 -1.53 34.04
N ALA A 42 -6.09 -0.77 34.50
CA ALA A 42 -6.93 -1.24 35.59
C ALA A 42 -7.83 -2.40 35.17
N GLU A 43 -8.14 -3.26 36.14
CA GLU A 43 -9.08 -4.36 35.94
C GLU A 43 -10.46 -3.81 35.61
N VAL A 44 -11.17 -4.51 34.72
CA VAL A 44 -12.53 -4.17 34.32
C VAL A 44 -13.52 -4.99 35.15
N THR A 45 -14.59 -4.35 35.62
CA THR A 45 -15.47 -4.98 36.60
C THR A 45 -16.50 -5.87 35.93
N GLY A 46 -16.75 -7.03 36.54
CA GLY A 46 -17.79 -7.94 36.09
C GLY A 46 -17.39 -8.95 35.02
N VAL A 47 -16.15 -8.92 34.55
CA VAL A 47 -15.64 -9.89 33.60
C VAL A 47 -14.36 -10.49 34.17
N ARG A 48 -13.86 -11.52 33.51
CA ARG A 48 -12.53 -12.02 33.83
C ARG A 48 -11.49 -11.15 33.14
N ASN A 49 -10.45 -10.78 33.89
CA ASN A 49 -9.48 -9.81 33.43
C ASN A 49 -8.09 -10.42 33.33
N TYR A 50 -7.35 -9.99 32.31
CA TYR A 50 -6.02 -10.49 32.03
C TYR A 50 -5.14 -9.28 31.70
N ARG A 51 -3.84 -9.45 31.86
CA ARG A 51 -2.92 -8.36 31.55
C ARG A 51 -2.47 -8.37 30.11
N ASP A 52 -2.69 -9.45 29.38
CA ASP A 52 -2.26 -9.53 27.98
C ASP A 52 -3.12 -10.57 27.27
N LEU A 53 -3.07 -10.52 25.95
CA LEU A 53 -3.90 -11.42 25.14
C LEU A 53 -3.42 -12.87 25.25
N ARG A 54 -2.11 -13.10 25.35
CA ARG A 54 -1.62 -14.47 25.49
C ARG A 54 -2.27 -15.17 26.69
N ALA A 55 -2.31 -14.49 27.83
CA ALA A 55 -2.90 -15.08 29.02
C ALA A 55 -4.40 -15.26 28.84
N LEU A 56 -5.06 -14.29 28.21
CA LEU A 56 -6.49 -14.41 27.96
C LEU A 56 -6.79 -15.64 27.10
N LEU A 57 -6.05 -15.80 26.01
CA LEU A 57 -6.30 -16.93 25.12
C LEU A 57 -6.06 -18.26 25.82
N ALA A 58 -5.04 -18.34 26.68
CA ALA A 58 -4.74 -19.61 27.34
C ALA A 58 -5.81 -19.97 28.35
N ALA A 59 -6.47 -18.97 28.93
CA ALA A 59 -7.43 -19.20 30.00
C ALA A 59 -8.88 -19.21 29.52
N GLU A 60 -9.12 -18.85 28.25
CA GLU A 60 -10.45 -18.72 27.70
C GLU A 60 -10.57 -19.52 26.41
N ARG A 61 -10.37 -20.85 26.51
CA ARG A 61 -10.40 -21.68 25.30
C ARG A 61 -11.78 -21.71 24.65
N GLU A 62 -12.84 -21.64 25.46
CA GLU A 62 -14.20 -21.68 24.92
C GLU A 62 -14.61 -20.37 24.25
N LEU A 63 -13.87 -19.29 24.46
CA LEU A 63 -14.23 -17.98 23.95
C LEU A 63 -14.41 -17.99 22.44
N ASP A 64 -15.43 -17.29 21.96
CA ASP A 64 -15.74 -17.31 20.53
C ASP A 64 -14.98 -16.26 19.71
N ALA A 65 -14.85 -15.04 20.23
CA ALA A 65 -14.42 -13.92 19.41
C ALA A 65 -13.65 -12.93 20.27
N VAL A 66 -12.81 -12.13 19.61
CA VAL A 66 -12.14 -11.02 20.26
C VAL A 66 -12.30 -9.76 19.43
N SER A 67 -12.34 -8.63 20.13
CA SER A 67 -12.35 -7.31 19.52
C SER A 67 -11.10 -6.57 19.96
N LEU A 68 -10.30 -6.16 18.99
CA LEU A 68 -9.01 -5.55 19.25
C LEU A 68 -9.12 -4.03 19.19
N CYS A 69 -8.81 -3.37 20.30
CA CYS A 69 -8.99 -1.93 20.43
C CYS A 69 -7.70 -1.19 20.77
N ALA A 70 -6.56 -1.86 20.75
CA ALA A 70 -5.26 -1.27 21.13
C ALA A 70 -4.70 -0.47 19.94
N PRO A 71 -3.55 0.17 20.08
CA PRO A 71 -2.98 0.91 18.94
C PRO A 71 -2.66 -0.03 17.79
N PRO A 72 -2.65 0.48 16.56
CA PRO A 72 -2.46 -0.41 15.41
C PRO A 72 -1.09 -1.05 15.35
N GLN A 73 -0.07 -0.49 16.01
CA GLN A 73 1.26 -1.08 15.92
C GLN A 73 1.33 -2.46 16.55
N VAL A 74 0.40 -2.80 17.44
CA VAL A 74 0.39 -4.13 18.06
C VAL A 74 -0.70 -5.02 17.48
N ARG A 75 -1.45 -4.54 16.48
CA ARG A 75 -2.64 -5.28 16.09
C ARG A 75 -2.32 -6.56 15.31
N TYR A 76 -1.24 -6.59 14.52
CA TYR A 76 -0.97 -7.80 13.76
C TYR A 76 -0.66 -8.98 14.68
N ALA A 77 0.25 -8.78 15.63
CA ALA A 77 0.61 -9.87 16.54
C ALA A 77 -0.60 -10.34 17.32
N GLN A 78 -1.46 -9.41 17.73
CA GLN A 78 -2.65 -9.79 18.49
C GLN A 78 -3.64 -10.56 17.62
N ALA A 79 -3.97 -10.02 16.45
CA ALA A 79 -4.93 -10.70 15.60
C ALA A 79 -4.42 -12.05 15.15
N ARG A 80 -3.12 -12.17 14.86
CA ARG A 80 -2.56 -13.46 14.46
C ARG A 80 -2.68 -14.46 15.59
N ALA A 81 -2.34 -14.05 16.81
CA ALA A 81 -2.47 -14.97 17.93
C ALA A 81 -3.93 -15.39 18.12
N ALA A 82 -4.87 -14.44 17.97
CA ALA A 82 -6.27 -14.79 18.16
C ALA A 82 -6.76 -15.74 17.08
N LEU A 83 -6.42 -15.49 15.82
CA LEU A 83 -6.79 -16.40 14.74
C LEU A 83 -6.14 -17.77 14.94
N GLU A 84 -4.85 -17.80 15.32
CA GLU A 84 -4.19 -19.09 15.55
C GLU A 84 -4.87 -19.85 16.68
N ALA A 85 -5.46 -19.15 17.64
CA ALA A 85 -6.17 -19.77 18.76
C ALA A 85 -7.60 -20.13 18.41
N GLY A 86 -8.06 -19.84 17.19
CA GLY A 86 -9.39 -20.22 16.77
C GLY A 86 -10.49 -19.22 17.04
N LYS A 87 -10.17 -17.94 17.20
CA LYS A 87 -11.15 -16.91 17.53
C LYS A 87 -11.49 -16.07 16.30
N HIS A 88 -12.76 -15.68 16.18
CA HIS A 88 -13.13 -14.60 15.25
C HIS A 88 -12.55 -13.30 15.75
N VAL A 89 -12.22 -12.39 14.82
CA VAL A 89 -11.47 -11.19 15.18
C VAL A 89 -12.10 -9.96 14.54
N MET A 90 -12.38 -8.96 15.37
CA MET A 90 -12.81 -7.63 14.97
C MET A 90 -11.66 -6.66 15.24
N LEU A 91 -11.33 -5.84 14.24
CA LEU A 91 -10.21 -4.91 14.31
C LEU A 91 -10.72 -3.47 14.37
N GLU A 92 -10.21 -2.70 15.32
CA GLU A 92 -10.33 -1.25 15.20
C GLU A 92 -9.63 -0.76 13.93
N LYS A 93 -9.94 0.46 13.56
CA LYS A 93 -9.17 1.01 12.46
C LYS A 93 -7.93 1.72 12.98
N PRO A 94 -6.88 1.82 12.15
CA PRO A 94 -6.76 1.11 10.89
C PRO A 94 -6.55 -0.39 11.15
N PRO A 95 -6.85 -1.25 10.18
CA PRO A 95 -6.79 -2.69 10.46
C PRO A 95 -5.38 -3.20 10.66
N GLY A 96 -4.36 -2.43 10.27
CA GLY A 96 -2.99 -2.79 10.57
C GLY A 96 -2.15 -1.55 10.45
N ALA A 97 -0.89 -1.70 10.85
CA ALA A 97 0.12 -0.68 10.62
C ALA A 97 0.67 -0.73 9.20
N THR A 98 0.38 -1.80 8.46
CA THR A 98 0.86 -2.03 7.10
C THR A 98 -0.26 -2.73 6.35
N LEU A 99 -0.15 -2.73 5.03
CA LEU A 99 -1.10 -3.46 4.19
C LEU A 99 -0.79 -4.94 4.15
N GLY A 100 0.49 -5.32 4.08
CA GLY A 100 0.82 -6.73 4.03
C GLY A 100 0.31 -7.49 5.22
N GLU A 101 0.35 -6.90 6.41
CA GLU A 101 -0.11 -7.64 7.57
C GLU A 101 -1.61 -7.91 7.47
N VAL A 102 -2.38 -6.98 6.90
CA VAL A 102 -3.81 -7.21 6.79
C VAL A 102 -4.10 -8.30 5.76
N ALA A 103 -3.34 -8.31 4.65
CA ALA A 103 -3.52 -9.38 3.67
C ALA A 103 -3.21 -10.73 4.27
N VAL A 104 -2.14 -10.82 5.07
CA VAL A 104 -1.80 -12.09 5.71
C VAL A 104 -2.89 -12.51 6.68
N LEU A 105 -3.41 -11.57 7.46
CA LEU A 105 -4.47 -11.92 8.41
C LEU A 105 -5.72 -12.40 7.69
N GLU A 106 -6.09 -11.73 6.60
CA GLU A 106 -7.28 -12.14 5.86
C GLU A 106 -7.13 -13.55 5.30
N ALA A 107 -5.95 -13.87 4.76
CA ALA A 107 -5.73 -15.21 4.21
C ALA A 107 -5.74 -16.26 5.32
N LEU A 108 -5.14 -15.93 6.46
CA LEU A 108 -5.14 -16.85 7.59
C LEU A 108 -6.56 -17.12 8.08
N ALA A 109 -7.35 -16.04 8.27
CA ALA A 109 -8.74 -16.21 8.68
C ALA A 109 -9.52 -17.07 7.69
N ARG A 110 -9.32 -16.85 6.39
CA ARG A 110 -10.05 -17.62 5.38
C ARG A 110 -9.63 -19.09 5.40
N GLU A 111 -8.33 -19.35 5.58
CA GLU A 111 -7.86 -20.72 5.64
C GLU A 111 -8.43 -21.44 6.86
N ARG A 112 -8.57 -20.74 7.98
CA ARG A 112 -9.04 -21.36 9.22
C ARG A 112 -10.55 -21.37 9.35
N GLY A 113 -11.29 -20.74 8.44
CA GLY A 113 -12.73 -20.64 8.54
C GLY A 113 -13.21 -19.73 9.65
N LEU A 114 -12.51 -18.61 9.88
CA LEU A 114 -12.87 -17.66 10.91
C LEU A 114 -13.22 -16.30 10.30
N THR A 115 -14.05 -15.55 11.01
CA THR A 115 -14.42 -14.20 10.60
C THR A 115 -13.35 -13.20 11.00
N LEU A 116 -12.91 -12.41 10.02
CA LEU A 116 -12.07 -11.23 10.25
C LEU A 116 -12.85 -10.01 9.78
N PHE A 117 -12.93 -9.00 10.62
CA PHE A 117 -13.71 -7.80 10.33
C PHE A 117 -12.83 -6.59 10.56
N ALA A 118 -12.42 -5.94 9.46
CA ALA A 118 -11.73 -4.64 9.55
C ALA A 118 -12.78 -3.54 9.65
N THR A 119 -12.95 -2.97 10.84
CA THR A 119 -14.00 -1.98 11.05
C THR A 119 -13.55 -0.58 10.66
N TRP A 120 -14.53 0.23 10.27
CA TRP A 120 -14.38 1.66 10.01
C TRP A 120 -15.57 2.31 10.68
N HIS A 121 -15.42 2.76 11.94
CA HIS A 121 -16.59 3.24 12.66
C HIS A 121 -17.30 4.38 11.93
N SER A 122 -16.55 5.22 11.21
CA SER A 122 -17.18 6.37 10.58
C SER A 122 -18.07 5.96 9.40
N ARG A 123 -17.83 4.79 8.83
CA ARG A 123 -18.70 4.29 7.77
C ARG A 123 -20.10 3.97 8.26
N CYS A 124 -20.26 3.84 9.57
CA CYS A 124 -21.55 3.61 10.19
C CYS A 124 -22.24 4.86 10.66
N ALA A 125 -21.62 6.04 10.48
CA ALA A 125 -22.32 7.28 10.79
C ALA A 125 -23.59 7.36 9.94
N SER A 126 -24.61 8.01 10.50
CA SER A 126 -25.94 7.90 9.88
C SER A 126 -26.05 8.58 8.51
N ALA A 127 -25.17 9.53 8.17
CA ALA A 127 -25.27 10.15 6.85
C ALA A 127 -24.75 9.27 5.73
N VAL A 128 -24.05 8.18 6.04
CA VAL A 128 -23.19 7.56 5.04
C VAL A 128 -24.02 6.78 4.02
N GLU A 129 -24.92 5.92 4.48
CA GLU A 129 -25.69 5.13 3.54
C GLU A 129 -26.64 5.99 2.71
N PRO A 130 -27.37 6.95 3.29
CA PRO A 130 -28.18 7.85 2.43
C PRO A 130 -27.34 8.57 1.39
N ALA A 131 -26.14 9.03 1.79
CA ALA A 131 -25.28 9.70 0.83
C ALA A 131 -24.84 8.76 -0.28
N ARG A 132 -24.47 7.52 0.07
CA ARG A 132 -24.06 6.54 -0.93
C ARG A 132 -25.18 6.27 -1.94
N GLU A 133 -26.39 6.09 -1.46
CA GLU A 133 -27.48 5.78 -2.38
C GLU A 133 -27.80 6.96 -3.28
N TRP A 134 -27.73 8.18 -2.75
CA TRP A 134 -28.01 9.34 -3.59
C TRP A 134 -26.95 9.51 -4.67
N LEU A 135 -25.68 9.25 -4.35
CA LEU A 135 -24.60 9.46 -5.30
C LEU A 135 -24.42 8.31 -6.29
N ALA A 136 -25.09 7.18 -6.09
CA ALA A 136 -24.83 5.99 -6.90
C ALA A 136 -25.07 6.25 -8.38
N THR A 137 -26.17 6.93 -8.70
CA THR A 137 -26.54 7.13 -10.11
C THR A 137 -26.54 8.60 -10.47
N ARG A 138 -25.49 9.34 -10.10
CA ARG A 138 -25.48 10.77 -10.34
C ARG A 138 -24.12 11.21 -10.88
N ALA A 139 -24.15 12.30 -11.63
CA ALA A 139 -22.94 12.84 -12.26
C ALA A 139 -22.21 13.71 -11.25
N ILE A 140 -21.06 13.24 -10.81
CA ILE A 140 -20.29 13.93 -9.79
C ILE A 140 -19.26 14.83 -10.45
N ARG A 141 -19.09 16.04 -9.91
CA ARG A 141 -18.18 17.02 -10.48
C ARG A 141 -16.94 17.25 -9.64
N ALA A 142 -17.04 17.21 -8.32
CA ALA A 142 -15.88 17.49 -7.46
C ALA A 142 -16.22 17.08 -6.03
N VAL A 143 -15.18 16.81 -5.25
CA VAL A 143 -15.31 16.43 -3.85
C VAL A 143 -14.29 17.22 -3.04
N GLN A 144 -14.73 17.77 -1.90
CA GLN A 144 -13.86 18.47 -0.97
C GLN A 144 -14.06 17.89 0.42
N VAL A 145 -12.96 17.56 1.10
CA VAL A 145 -12.97 17.05 2.45
C VAL A 145 -12.22 18.04 3.33
N ARG A 146 -12.80 18.40 4.47
CA ARG A 146 -12.18 19.25 5.47
C ARG A 146 -12.31 18.54 6.81
N TRP A 147 -11.19 18.10 7.37
CA TRP A 147 -11.21 17.31 8.61
C TRP A 147 -10.16 17.97 9.50
N LYS A 148 -10.60 18.86 10.38
CA LYS A 148 -9.71 19.69 11.17
C LYS A 148 -10.18 19.69 12.62
N GLU A 149 -9.28 19.34 13.52
CA GLU A 149 -9.61 19.34 14.94
C GLU A 149 -8.32 19.56 15.73
N ASP A 150 -8.47 20.04 16.96
CA ASP A 150 -7.31 20.23 17.82
C ASP A 150 -6.95 18.90 18.47
N VAL A 151 -5.76 18.38 18.15
CA VAL A 151 -5.36 17.08 18.68
C VAL A 151 -5.31 17.10 20.21
N ARG A 152 -4.95 18.23 20.81
CA ARG A 152 -4.87 18.32 22.26
C ARG A 152 -6.23 18.27 22.91
N ARG A 153 -7.29 18.56 22.16
CA ARG A 153 -8.65 18.43 22.67
C ARG A 153 -9.17 17.02 22.49
N TRP A 154 -8.94 16.42 21.33
CA TRP A 154 -9.63 15.19 20.96
C TRP A 154 -8.80 13.94 21.19
N HIS A 155 -7.48 14.07 21.33
CA HIS A 155 -6.60 12.93 21.63
C HIS A 155 -5.58 13.33 22.68
N PRO A 156 -6.05 13.80 23.85
CA PRO A 156 -5.12 14.35 24.85
C PRO A 156 -4.22 13.26 25.42
N GLY A 157 -2.93 13.56 25.50
CA GLY A 157 -1.98 12.67 26.13
C GLY A 157 -1.69 11.38 25.40
N GLN A 158 -2.08 11.26 24.13
CA GLN A 158 -1.79 10.07 23.37
C GLN A 158 -0.42 10.18 22.71
N GLN A 159 0.33 9.08 22.72
CA GLN A 159 1.67 9.06 22.15
C GLN A 159 1.81 8.12 20.96
N TRP A 160 1.01 7.05 20.87
CA TRP A 160 1.14 6.11 19.75
C TRP A 160 0.91 6.79 18.42
N ILE A 161 0.09 7.85 18.42
CA ILE A 161 -0.24 8.60 17.21
C ILE A 161 0.97 9.26 16.60
N TRP A 162 2.01 9.50 17.40
CA TRP A 162 3.23 10.17 16.94
C TRP A 162 4.35 9.21 16.61
N GLU A 163 4.16 7.93 16.82
CA GLU A 163 5.19 6.94 16.63
C GLU A 163 5.04 6.27 15.28
N PRO A 164 6.11 5.66 14.74
CA PRO A 164 5.99 5.01 13.43
C PRO A 164 4.81 4.05 13.38
N GLY A 165 4.06 4.14 12.30
CA GLY A 165 2.86 3.35 12.15
C GLY A 165 1.61 3.89 12.84
N GLY A 166 1.70 5.05 13.49
CA GLY A 166 0.59 5.63 14.23
C GLY A 166 -0.23 6.66 13.48
N LEU A 167 0.07 6.90 12.20
CA LEU A 167 -0.75 7.70 11.28
C LEU A 167 -0.73 9.21 11.50
N GLY A 168 -0.47 9.69 12.72
CA GLY A 168 -0.62 11.12 12.98
C GLY A 168 -2.03 11.59 12.65
N VAL A 169 -2.13 12.71 11.92
CA VAL A 169 -3.42 13.29 11.57
C VAL A 169 -4.22 12.37 10.67
N PHE A 170 -3.59 11.34 10.10
CA PHE A 170 -4.36 10.35 9.35
C PHE A 170 -5.13 9.41 10.26
N ASP A 171 -4.92 9.47 11.58
CA ASP A 171 -5.78 8.75 12.52
C ASP A 171 -7.22 9.22 12.35
N PRO A 172 -7.57 10.50 12.54
CA PRO A 172 -8.93 10.92 12.18
C PRO A 172 -9.13 11.04 10.67
N GLY A 173 -8.07 11.37 9.92
CA GLY A 173 -8.23 11.57 8.50
C GLY A 173 -8.70 10.33 7.77
N ILE A 174 -8.23 9.16 8.22
CA ILE A 174 -8.66 7.92 7.57
C ILE A 174 -10.13 7.64 7.84
N ASN A 175 -10.71 8.22 8.89
CA ASN A 175 -12.16 8.15 9.06
C ASN A 175 -12.86 8.85 7.90
N ALA A 176 -12.40 10.05 7.56
CA ALA A 176 -12.97 10.75 6.42
C ALA A 176 -12.79 9.95 5.14
N LEU A 177 -11.59 9.39 4.93
CA LEU A 177 -11.36 8.58 3.75
C LEU A 177 -12.22 7.33 3.74
N SER A 178 -12.50 6.75 4.92
CA SER A 178 -13.40 5.60 4.94
C SER A 178 -14.83 6.00 4.53
N ILE A 179 -15.27 7.22 4.85
CA ILE A 179 -16.57 7.65 4.36
C ILE A 179 -16.52 7.91 2.87
N VAL A 180 -15.50 8.63 2.41
CA VAL A 180 -15.42 8.98 0.99
C VAL A 180 -15.41 7.73 0.12
N THR A 181 -14.62 6.72 0.51
CA THR A 181 -14.51 5.51 -0.31
C THR A 181 -15.77 4.66 -0.26
N ARG A 182 -16.65 4.90 0.71
CA ARG A 182 -17.92 4.20 0.77
CA ARG A 182 -17.92 4.21 0.78
C ARG A 182 -19.00 4.93 -0.02
N ILE A 183 -19.01 6.26 0.01
CA ILE A 183 -20.09 6.96 -0.66
C ILE A 183 -19.81 7.17 -2.14
N LEU A 184 -18.55 7.15 -2.58
CA LEU A 184 -18.28 7.39 -3.99
C LEU A 184 -18.30 6.10 -4.79
N PRO A 185 -18.90 6.11 -5.98
CA PRO A 185 -19.02 4.86 -6.76
C PRO A 185 -17.73 4.37 -7.40
N ARG A 186 -16.75 5.23 -7.62
CA ARG A 186 -15.54 4.84 -8.33
C ARG A 186 -14.32 4.99 -7.45
N GLU A 187 -13.28 4.22 -7.79
CA GLU A 187 -12.04 4.19 -7.02
C GLU A 187 -11.25 5.49 -7.20
N LEU A 188 -10.39 5.76 -6.21
CA LEU A 188 -9.59 6.98 -6.14
C LEU A 188 -8.12 6.66 -6.38
N VAL A 189 -7.45 7.57 -7.08
CA VAL A 189 -6.01 7.52 -7.31
C VAL A 189 -5.41 8.78 -6.73
N LEU A 190 -4.36 8.62 -5.93
CA LEU A 190 -3.68 9.77 -5.35
C LEU A 190 -2.73 10.37 -6.39
N ARG A 191 -2.90 11.65 -6.65
CA ARG A 191 -2.05 12.35 -7.60
C ARG A 191 -0.98 13.18 -6.94
N GLU A 192 -1.23 13.69 -5.73
CA GLU A 192 -0.28 14.52 -5.02
C GLU A 192 -0.65 14.53 -3.55
N ALA A 193 0.36 14.53 -2.68
CA ALA A 193 0.10 14.72 -1.26
C ALA A 193 1.23 15.53 -0.65
N THR A 194 0.88 16.31 0.36
CA THR A 194 1.84 17.07 1.15
C THR A 194 1.60 16.77 2.62
N LEU A 195 2.64 16.33 3.32
CA LEU A 195 2.57 15.94 4.72
C LEU A 195 3.43 16.89 5.55
N ILE A 196 2.84 17.50 6.57
CA ILE A 196 3.53 18.44 7.45
C ILE A 196 3.86 17.71 8.74
N VAL A 197 5.14 17.58 9.05
CA VAL A 197 5.60 16.70 10.12
C VAL A 197 6.38 17.52 11.15
N PRO A 198 5.85 17.71 12.37
CA PRO A 198 6.62 18.38 13.42
C PRO A 198 7.95 17.68 13.66
N SER A 199 8.97 18.47 14.01
CA SER A 199 10.32 17.94 14.09
C SER A 199 10.49 16.92 15.21
N ASP A 200 9.55 16.81 16.14
CA ASP A 200 9.69 15.92 17.29
C ASP A 200 8.76 14.72 17.22
N VAL A 201 8.10 14.49 16.08
CA VAL A 201 7.25 13.33 15.89
C VAL A 201 7.62 12.64 14.58
N GLN A 202 7.05 11.44 14.40
CA GLN A 202 7.32 10.64 13.21
C GLN A 202 6.19 10.71 12.19
N THR A 203 5.03 11.22 12.54
CA THR A 203 3.86 11.21 11.70
C THR A 203 3.35 12.62 11.45
N PRO A 204 2.53 12.83 10.42
CA PRO A 204 2.14 14.19 10.05
C PRO A 204 1.10 14.78 11.00
N ILE A 205 1.22 16.09 11.26
CA ILE A 205 0.18 16.82 11.98
C ILE A 205 -0.81 17.50 11.03
N ALA A 206 -0.47 17.64 9.75
CA ALA A 206 -1.40 18.17 8.78
C ALA A 206 -1.08 17.52 7.44
N ALA A 207 -2.07 17.45 6.57
CA ALA A 207 -1.80 16.89 5.25
C ALA A 207 -2.82 17.44 4.27
N GLU A 208 -2.42 17.51 3.01
CA GLU A 208 -3.32 17.77 1.89
C GLU A 208 -3.18 16.64 0.89
N LEU A 209 -4.31 16.15 0.39
CA LEU A 209 -4.34 15.10 -0.63
C LEU A 209 -5.04 15.63 -1.86
N ASP A 210 -4.47 15.37 -3.03
CA ASP A 210 -5.12 15.67 -4.30
C ASP A 210 -5.31 14.34 -5.02
N CYS A 211 -6.56 13.93 -5.16
CA CYS A 211 -6.92 12.64 -5.72
C CYS A 211 -7.82 12.87 -6.92
N ALA A 212 -7.97 11.81 -7.70
CA ALA A 212 -8.95 11.79 -8.78
C ALA A 212 -9.61 10.43 -8.81
N ASP A 213 -10.92 10.39 -9.06
CA ASP A 213 -11.55 9.11 -9.27
C ASP A 213 -11.30 8.65 -10.70
N THR A 214 -11.81 7.47 -11.06
CA THR A 214 -11.45 6.88 -12.34
C THR A 214 -12.17 7.52 -13.53
N ASP A 215 -13.09 8.46 -13.26
CA ASP A 215 -13.67 9.31 -14.30
C ASP A 215 -12.98 10.67 -14.36
N GLY A 216 -11.93 10.87 -13.57
CA GLY A 216 -11.23 12.13 -13.52
C GLY A 216 -11.80 13.15 -12.56
N VAL A 217 -12.75 12.77 -11.71
CA VAL A 217 -13.34 13.74 -10.79
C VAL A 217 -12.31 14.13 -9.74
N PRO A 218 -12.07 15.42 -9.52
CA PRO A 218 -11.11 15.84 -8.49
C PRO A 218 -11.66 15.62 -7.08
N VAL A 219 -10.84 15.02 -6.23
CA VAL A 219 -11.18 14.75 -4.84
C VAL A 219 -10.05 15.30 -4.00
N ARG A 220 -10.31 16.40 -3.30
CA ARG A 220 -9.30 17.11 -2.53
C ARG A 220 -9.62 16.97 -1.05
N ALA A 221 -8.58 16.81 -0.22
CA ALA A 221 -8.78 16.63 1.22
C ALA A 221 -7.74 17.44 1.98
N GLU A 222 -8.19 18.10 3.04
CA GLU A 222 -7.31 18.83 3.95
C GLU A 222 -7.53 18.28 5.34
N PHE A 223 -6.45 17.79 5.96
CA PHE A 223 -6.47 17.28 7.33
C PHE A 223 -5.55 18.14 8.18
N ASP A 224 -5.98 18.51 9.38
CA ASP A 224 -5.13 19.37 10.20
C ASP A 224 -5.43 19.13 11.68
N TRP A 225 -4.39 18.82 12.44
CA TRP A 225 -4.49 18.63 13.88
C TRP A 225 -4.01 19.83 14.69
N ARG A 226 -3.59 20.90 14.03
CA ARG A 226 -3.06 22.05 14.75
C ARG A 226 -4.21 22.93 15.26
N HIS A 227 -3.92 23.69 16.31
CA HIS A 227 -4.94 24.58 16.85
C HIS A 227 -5.31 25.63 15.81
N GLY A 228 -6.60 25.79 15.56
CA GLY A 228 -7.08 26.69 14.55
C GLY A 228 -8.37 27.36 14.95
N PRO A 229 -8.84 28.28 14.10
CA PRO A 229 -10.08 28.99 14.42
C PRO A 229 -11.34 28.14 14.32
N VAL A 230 -11.29 27.02 13.59
CA VAL A 230 -12.49 26.24 13.29
C VAL A 230 -12.16 24.76 13.38
N GLU A 231 -13.02 24.01 14.07
CA GLU A 231 -13.04 22.56 14.00
C GLU A 231 -14.18 22.14 13.07
N GLN A 232 -13.89 21.22 12.17
CA GLN A 232 -14.89 20.82 11.17
C GLN A 232 -14.58 19.42 10.67
N TRP A 233 -15.65 18.68 10.36
CA TRP A 233 -15.54 17.31 9.86
C TRP A 233 -16.57 17.19 8.74
N GLU A 234 -16.16 17.62 7.54
CA GLU A 234 -17.06 17.91 6.43
C GLU A 234 -16.59 17.20 5.18
N ILE A 235 -17.56 16.68 4.42
CA ILE A 235 -17.33 16.16 3.07
C ILE A 235 -18.41 16.77 2.18
N ALA A 236 -17.99 17.46 1.13
CA ALA A 236 -18.91 18.08 0.18
C ALA A 236 -18.70 17.45 -1.19
N VAL A 237 -19.78 16.99 -1.79
CA VAL A 237 -19.73 16.38 -3.13
C VAL A 237 -20.60 17.22 -4.04
N ASP A 238 -19.98 17.86 -5.03
CA ASP A 238 -20.70 18.68 -6.00
C ASP A 238 -21.17 17.79 -7.14
N THR A 239 -22.44 17.92 -7.53
CA THR A 239 -23.01 17.12 -8.59
C THR A 239 -23.87 18.01 -9.47
N ALA A 240 -24.27 17.44 -10.61
CA ALA A 240 -25.19 18.11 -11.53
C ALA A 240 -26.54 18.40 -10.89
N ASP A 241 -26.87 17.71 -9.80
CA ASP A 241 -28.13 17.87 -9.10
C ASP A 241 -27.98 18.59 -7.76
N GLY A 242 -26.87 19.29 -7.57
CA GLY A 242 -26.65 20.05 -6.35
C GLY A 242 -25.55 19.44 -5.49
N VAL A 243 -25.31 20.12 -4.37
CA VAL A 243 -24.25 19.76 -3.43
C VAL A 243 -24.80 18.80 -2.39
N LEU A 244 -24.12 17.67 -2.21
CA LEU A 244 -24.35 16.81 -1.05
C LEU A 244 -23.32 17.18 0.01
N ALA A 245 -23.79 17.52 1.21
CA ALA A 245 -22.91 18.02 2.27
C ALA A 245 -23.06 17.16 3.51
N ILE A 246 -21.99 16.45 3.86
CA ILE A 246 -21.91 15.72 5.12
C ILE A 246 -21.15 16.59 6.11
N SER A 247 -21.68 16.73 7.32
CA SER A 247 -20.98 17.49 8.34
C SER A 247 -21.07 16.74 9.66
N ARG A 248 -20.43 17.30 10.69
CA ARG A 248 -20.41 16.68 12.00
C ARG A 248 -19.93 15.24 11.91
N GLY A 249 -18.93 15.01 11.06
CA GLY A 249 -18.33 13.69 10.98
C GLY A 249 -19.20 12.61 10.41
N GLY A 250 -20.33 12.97 9.81
CA GLY A 250 -21.29 11.99 9.34
C GLY A 250 -22.59 11.99 10.09
N ALA A 251 -22.74 12.85 11.10
CA ALA A 251 -23.96 12.93 11.89
C ALA A 251 -24.96 13.93 11.33
N GLN A 252 -24.63 14.62 10.23
CA GLN A 252 -25.54 15.59 9.65
C GLN A 252 -25.39 15.56 8.12
N LEU A 253 -26.50 15.76 7.42
CA LEU A 253 -26.52 15.61 5.96
C LEU A 253 -27.48 16.62 5.35
N SER A 254 -27.04 17.28 4.29
CA SER A 254 -27.91 18.08 3.43
C SER A 254 -27.67 17.68 1.98
N ILE A 255 -28.72 17.76 1.18
CA ILE A 255 -28.67 17.39 -0.22
C ILE A 255 -29.38 18.49 -1.00
N ALA A 256 -28.64 19.13 -1.90
CA ALA A 256 -29.19 20.20 -2.74
C ALA A 256 -29.84 21.29 -1.89
N GLY A 257 -29.15 21.66 -0.81
CA GLY A 257 -29.60 22.72 0.06
C GLY A 257 -30.70 22.35 1.02
N GLU A 258 -31.15 21.10 1.04
CA GLU A 258 -32.21 20.68 1.95
C GLU A 258 -31.69 19.69 2.98
N PRO A 259 -32.06 19.87 4.25
CA PRO A 259 -31.64 18.90 5.28
C PRO A 259 -32.30 17.55 5.07
N VAL A 260 -31.60 16.49 5.51
CA VAL A 260 -32.04 15.12 5.35
C VAL A 260 -32.16 14.50 6.74
N GLU A 261 -33.32 13.90 7.02
CA GLU A 261 -33.49 13.17 8.27
C GLU A 261 -32.57 11.95 8.30
N LEU A 262 -31.99 11.70 9.47
CA LEU A 262 -31.08 10.58 9.66
C LEU A 262 -31.56 9.75 10.84
N GLY A 263 -31.13 8.49 10.86
CA GLY A 263 -31.34 7.64 12.01
C GLY A 263 -30.38 7.99 13.12
N PRO A 264 -30.57 7.37 14.28
CA PRO A 264 -29.74 7.69 15.45
C PRO A 264 -28.27 7.41 15.17
N GLU A 265 -27.41 8.24 15.74
CA GLU A 265 -25.98 8.05 15.58
C GLU A 265 -25.54 6.92 16.52
N ARG A 266 -25.18 5.78 15.95
CA ARG A 266 -24.86 4.58 16.73
C ARG A 266 -23.78 3.79 16.00
N GLU A 267 -22.61 4.43 15.84
CA GLU A 267 -21.55 3.82 15.05
C GLU A 267 -21.11 2.47 15.60
N TYR A 268 -20.79 2.41 16.89
CA TYR A 268 -20.26 1.17 17.43
C TYR A 268 -21.33 0.10 17.62
N PRO A 269 -22.55 0.44 18.09
CA PRO A 269 -23.63 -0.55 18.00
C PRO A 269 -23.77 -1.14 16.61
N ALA A 270 -23.66 -0.31 15.57
CA ALA A 270 -23.78 -0.84 14.21
C ALA A 270 -22.61 -1.76 13.87
N LEU A 271 -21.41 -1.41 14.31
CA LEU A 271 -20.25 -2.26 14.04
C LEU A 271 -20.42 -3.64 14.68
N TYR A 272 -20.84 -3.67 15.94
CA TYR A 272 -20.94 -4.96 16.61
C TYR A 272 -22.06 -5.79 16.03
N ALA A 273 -23.17 -5.15 15.66
CA ALA A 273 -24.22 -5.87 14.96
C ALA A 273 -23.71 -6.49 13.68
N HIS A 274 -22.86 -5.77 12.94
CA HIS A 274 -22.34 -6.32 11.69
C HIS A 274 -21.36 -7.46 11.96
N PHE A 275 -20.55 -7.33 13.01
CA PHE A 275 -19.62 -8.40 13.37
C PHE A 275 -20.39 -9.68 13.69
N HIS A 276 -21.46 -9.55 14.47
CA HIS A 276 -22.30 -10.69 14.78
C HIS A 276 -22.85 -11.31 13.52
N ALA A 277 -23.29 -10.49 12.56
CA ALA A 277 -23.87 -11.01 11.33
C ALA A 277 -22.82 -11.73 10.49
N LEU A 278 -21.61 -11.18 10.43
CA LEU A 278 -20.52 -11.83 9.70
C LEU A 278 -20.21 -13.19 10.28
N ILE A 279 -20.12 -13.28 11.60
CA ILE A 279 -19.88 -14.57 12.26
C ILE A 279 -21.02 -15.53 11.93
N ALA A 280 -22.25 -15.06 12.09
CA ALA A 280 -23.42 -15.90 11.83
C ALA A 280 -23.42 -16.42 10.39
N ARG A 281 -22.99 -15.60 9.44
CA ARG A 281 -23.00 -16.02 8.05
C ARG A 281 -21.70 -16.66 7.61
N GLY A 282 -20.71 -16.80 8.49
CA GLY A 282 -19.44 -17.38 8.08
C GLY A 282 -18.63 -16.54 7.11
N GLU A 283 -18.67 -15.22 7.26
CA GLU A 283 -18.05 -14.32 6.30
C GLU A 283 -17.02 -13.41 6.97
N SER A 284 -16.17 -12.83 6.14
CA SER A 284 -15.24 -11.80 6.56
C SER A 284 -15.57 -10.50 5.84
N ASP A 285 -15.02 -9.40 6.35
CA ASP A 285 -15.27 -8.07 5.78
C ASP A 285 -14.00 -7.27 6.00
N VAL A 286 -13.16 -7.21 4.95
CA VAL A 286 -11.85 -6.62 5.10
C VAL A 286 -11.60 -5.66 3.94
N ASP A 287 -12.10 -4.43 4.06
CA ASP A 287 -11.86 -3.39 3.06
C ASP A 287 -10.67 -2.56 3.51
N VAL A 288 -9.56 -2.68 2.79
CA VAL A 288 -8.36 -1.93 3.13
C VAL A 288 -8.17 -0.69 2.28
N ARG A 289 -9.11 -0.37 1.39
CA ARG A 289 -8.92 0.79 0.52
C ARG A 289 -8.64 2.09 1.27
N PRO A 290 -9.28 2.40 2.41
CA PRO A 290 -8.86 3.63 3.12
C PRO A 290 -7.41 3.60 3.55
N LEU A 291 -6.92 2.45 4.01
CA LEU A 291 -5.53 2.34 4.41
C LEU A 291 -4.60 2.37 3.21
N ARG A 292 -5.03 1.79 2.08
CA ARG A 292 -4.20 1.86 0.89
C ARG A 292 -3.99 3.31 0.45
N LEU A 293 -5.03 4.14 0.55
CA LEU A 293 -4.89 5.54 0.21
C LEU A 293 -3.92 6.26 1.15
N VAL A 294 -3.96 5.93 2.44
CA VAL A 294 -3.01 6.52 3.37
C VAL A 294 -1.60 6.04 3.06
N ALA A 295 -1.44 4.74 2.79
CA ALA A 295 -0.14 4.22 2.39
C ALA A 295 0.38 4.98 1.18
N ASP A 296 -0.48 5.22 0.19
CA ASP A 296 -0.08 5.97 -0.99
C ASP A 296 0.36 7.39 -0.62
N ALA A 297 -0.31 8.01 0.35
CA ALA A 297 0.10 9.34 0.78
C ALA A 297 1.48 9.30 1.46
N PHE A 298 1.74 8.27 2.28
CA PHE A 298 3.05 8.19 2.91
C PHE A 298 4.15 7.81 1.92
N LEU A 299 3.80 7.08 0.85
CA LEU A 299 4.78 6.66 -0.15
C LEU A 299 5.08 7.79 -1.14
N PHE A 300 4.04 8.50 -1.59
CA PHE A 300 4.14 9.47 -2.68
C PHE A 300 4.17 10.92 -2.18
N GLY A 301 3.81 11.17 -0.94
CA GLY A 301 3.63 12.53 -0.48
C GLY A 301 4.95 13.22 -0.20
N ARG A 302 4.98 14.51 -0.51
CA ARG A 302 6.09 15.38 -0.14
C ARG A 302 6.01 15.70 1.35
N ARG A 303 7.15 15.63 2.04
CA ARG A 303 7.20 15.86 3.47
C ARG A 303 7.85 17.21 3.76
N VAL A 304 7.23 17.98 4.66
CA VAL A 304 7.68 19.30 5.06
C VAL A 304 7.78 19.33 6.57
N GLN A 305 8.95 19.70 7.09
CA GLN A 305 9.13 19.78 8.53
C GLN A 305 8.49 21.04 9.09
N THR A 306 7.92 20.94 10.28
CA THR A 306 7.40 22.11 10.97
C THR A 306 7.91 22.11 12.40
N ASP A 307 7.49 23.12 13.16
CA ASP A 307 8.00 23.28 14.51
C ASP A 307 7.54 22.14 15.40
N ALA A 308 8.28 21.94 16.50
CA ALA A 308 8.01 20.84 17.41
C ALA A 308 6.61 20.93 18.00
N PHE A 309 5.95 19.79 18.12
CA PHE A 309 4.61 19.75 18.70
C PHE A 309 4.64 19.91 20.21
N GLY A 310 5.58 19.24 20.88
CA GLY A 310 5.66 19.29 22.34
C GLY A 310 4.88 18.17 23.01
N ARG A 311 5.56 17.10 23.38
CA ARG A 311 4.90 15.92 23.91
C ARG A 311 5.47 15.48 25.24
N ASP B 5 3.63 -13.68 -35.80
CA ASP B 5 2.65 -12.67 -35.45
C ASP B 5 3.33 -11.44 -34.83
N GLN B 6 3.55 -10.41 -35.65
CA GLN B 6 4.29 -9.23 -35.21
C GLN B 6 3.37 -8.25 -34.49
N VAL B 7 3.82 -7.78 -33.33
CA VAL B 7 3.13 -6.75 -32.54
C VAL B 7 3.85 -5.42 -32.78
N SER B 8 3.15 -4.42 -33.29
CA SER B 8 3.78 -3.11 -33.45
C SER B 8 3.87 -2.42 -32.09
N LEU B 9 5.01 -1.78 -31.84
CA LEU B 9 5.38 -1.35 -30.49
C LEU B 9 5.87 0.09 -30.48
N GLY B 10 5.39 0.85 -29.50
CA GLY B 10 5.93 2.16 -29.21
C GLY B 10 6.64 2.15 -27.87
N VAL B 11 7.72 2.91 -27.75
CA VAL B 11 8.46 3.06 -26.51
C VAL B 11 8.34 4.50 -26.03
N VAL B 12 7.98 4.67 -24.77
CA VAL B 12 7.67 5.97 -24.18
C VAL B 12 8.69 6.26 -23.10
N GLY B 13 9.48 7.30 -23.30
CA GLY B 13 10.56 7.58 -22.39
C GLY B 13 11.84 6.99 -22.90
N ILE B 14 12.62 7.79 -23.60
CA ILE B 14 13.88 7.32 -24.14
C ILE B 14 15.00 7.90 -23.31
N GLY B 15 15.19 7.35 -22.11
CA GLY B 15 16.32 7.60 -21.26
C GLY B 15 17.38 6.54 -21.42
N LYS B 16 18.23 6.39 -20.41
CA LYS B 16 19.35 5.48 -20.58
C LYS B 16 18.92 4.02 -20.52
N ILE B 17 17.91 3.70 -19.69
CA ILE B 17 17.42 2.32 -19.62
C ILE B 17 16.78 1.90 -20.94
N ALA B 18 16.05 2.81 -21.58
CA ALA B 18 15.46 2.51 -22.88
C ALA B 18 16.54 2.24 -23.92
N ARG B 19 17.53 3.14 -23.99
CA ARG B 19 18.55 3.02 -25.02
C ARG B 19 19.48 1.84 -24.74
N ASP B 20 19.79 1.59 -23.47
CA ASP B 20 20.75 0.54 -23.12
C ASP B 20 20.11 -0.84 -23.06
N GLN B 21 18.88 -0.95 -22.59
CA GLN B 21 18.27 -2.27 -22.42
C GLN B 21 17.05 -2.52 -23.30
N HIS B 22 16.12 -1.56 -23.41
CA HIS B 22 14.86 -1.85 -24.08
C HIS B 22 15.02 -1.94 -25.59
N LEU B 23 15.56 -0.89 -26.21
CA LEU B 23 15.71 -0.89 -27.67
C LEU B 23 16.56 -2.05 -28.16
N PRO B 24 17.71 -2.38 -27.57
CA PRO B 24 18.42 -3.60 -28.01
C PRO B 24 17.61 -4.87 -27.87
N ALA B 25 16.84 -5.01 -26.78
CA ALA B 25 16.05 -6.23 -26.62
C ALA B 25 14.90 -6.29 -27.63
N ILE B 26 14.25 -5.15 -27.89
CA ILE B 26 13.16 -5.11 -28.86
C ILE B 26 13.67 -5.44 -30.25
N ASP B 27 14.79 -4.83 -30.64
CA ASP B 27 15.32 -5.00 -31.97
C ASP B 27 15.76 -6.43 -32.23
N ALA B 28 16.01 -7.20 -31.18
CA ALA B 28 16.39 -8.60 -31.30
C ALA B 28 15.21 -9.55 -31.14
N GLU B 29 14.00 -9.03 -30.92
CA GLU B 29 12.82 -9.87 -30.76
C GLU B 29 11.98 -9.83 -32.02
N PRO B 30 11.84 -10.93 -32.76
CA PRO B 30 11.10 -10.88 -34.02
C PRO B 30 9.62 -10.62 -33.84
N GLY B 31 9.05 -10.98 -32.68
CA GLY B 31 7.64 -10.80 -32.43
C GLY B 31 7.19 -9.36 -32.30
N PHE B 32 8.12 -8.40 -32.27
CA PHE B 32 7.78 -7.00 -32.17
C PHE B 32 8.36 -6.24 -33.36
N LYS B 33 7.65 -5.19 -33.77
CA LYS B 33 8.18 -4.22 -34.71
C LYS B 33 8.19 -2.86 -34.02
N LEU B 34 9.39 -2.35 -33.76
CA LEU B 34 9.53 -1.02 -33.19
C LEU B 34 9.06 0.02 -34.21
N THR B 35 8.02 0.75 -33.85
CA THR B 35 7.31 1.62 -34.77
C THR B 35 7.42 3.09 -34.41
N ALA B 36 7.38 3.43 -33.12
CA ALA B 36 7.31 4.81 -32.69
C ALA B 36 8.02 4.94 -31.36
N CYS B 37 8.53 6.14 -31.08
CA CYS B 37 9.10 6.49 -29.79
C CYS B 37 8.59 7.86 -29.36
N ALA B 38 8.54 8.09 -28.05
CA ALA B 38 8.18 9.40 -27.53
C ALA B 38 9.15 9.79 -26.43
N SER B 39 9.76 10.97 -26.58
CA SER B 39 10.59 11.54 -25.54
C SER B 39 10.83 12.99 -25.89
N ARG B 40 11.42 13.72 -24.95
CA ARG B 40 11.79 15.10 -25.20
C ARG B 40 13.28 15.24 -25.41
N HIS B 41 13.96 14.13 -25.64
CA HIS B 41 15.39 14.11 -25.88
C HIS B 41 15.65 13.95 -27.36
N ALA B 42 16.79 13.39 -27.73
CA ALA B 42 17.15 13.29 -29.14
C ALA B 42 16.20 12.37 -29.90
N GLU B 43 15.93 12.74 -31.15
CA GLU B 43 15.17 11.89 -32.05
C GLU B 43 15.81 10.52 -32.16
N VAL B 44 14.98 9.47 -32.15
CA VAL B 44 15.44 8.10 -32.33
C VAL B 44 15.44 7.78 -33.82
N THR B 45 16.54 7.20 -34.31
CA THR B 45 16.67 6.91 -35.73
C THR B 45 15.87 5.67 -36.12
N GLY B 46 15.18 5.74 -37.26
CA GLY B 46 14.54 4.58 -37.84
C GLY B 46 13.10 4.35 -37.42
N VAL B 47 12.53 5.25 -36.61
CA VAL B 47 11.16 5.15 -36.15
C VAL B 47 10.51 6.51 -36.28
N ARG B 48 9.20 6.55 -36.13
CA ARG B 48 8.49 7.81 -36.05
C ARG B 48 8.58 8.37 -34.63
N ASN B 49 8.96 9.64 -34.51
CA ASN B 49 9.26 10.25 -33.22
C ASN B 49 8.21 11.28 -32.81
N TYR B 50 7.95 11.34 -31.51
CA TYR B 50 7.00 12.26 -30.92
C TYR B 50 7.61 12.78 -29.63
N ARG B 51 7.13 13.94 -29.17
CA ARG B 51 7.68 14.55 -27.97
C ARG B 51 6.83 14.29 -26.74
N ASP B 52 5.66 13.68 -26.91
CA ASP B 52 4.83 13.29 -25.80
C ASP B 52 3.97 12.12 -26.25
N LEU B 53 3.41 11.41 -25.26
CA LEU B 53 2.60 10.25 -25.59
C LEU B 53 1.28 10.64 -26.23
N ARG B 54 0.69 11.78 -25.85
CA ARG B 54 -0.56 12.19 -26.49
C ARG B 54 -0.39 12.31 -28.00
N ALA B 55 0.73 12.89 -28.45
CA ALA B 55 0.95 13.06 -29.88
C ALA B 55 1.19 11.72 -30.55
N LEU B 56 1.94 10.84 -29.89
CA LEU B 56 2.17 9.51 -30.45
C LEU B 56 0.86 8.75 -30.63
N LEU B 57 0.00 8.74 -29.61
CA LEU B 57 -1.25 8.01 -29.70
C LEU B 57 -2.15 8.59 -30.78
N ALA B 58 -2.16 9.92 -30.92
CA ALA B 58 -3.02 10.54 -31.92
C ALA B 58 -2.58 10.18 -33.33
N ALA B 59 -1.28 9.98 -33.55
CA ALA B 59 -0.75 9.72 -34.87
C ALA B 59 -0.52 8.24 -35.16
N GLU B 60 -0.63 7.37 -34.16
CA GLU B 60 -0.36 5.95 -34.34
C GLU B 60 -1.56 5.11 -33.93
N ARG B 61 -2.69 5.30 -34.63
CA ARG B 61 -3.92 4.62 -34.24
C ARG B 61 -3.83 3.11 -34.40
N GLU B 62 -3.05 2.61 -35.36
CA GLU B 62 -2.93 1.17 -35.59
C GLU B 62 -1.93 0.50 -34.67
N LEU B 63 -1.17 1.27 -33.90
CA LEU B 63 -0.14 0.71 -33.04
C LEU B 63 -0.77 -0.26 -32.05
N ASP B 64 -0.10 -1.39 -31.81
CA ASP B 64 -0.66 -2.42 -30.93
C ASP B 64 -0.34 -2.20 -29.47
N ALA B 65 0.88 -1.75 -29.16
CA ALA B 65 1.34 -1.83 -27.79
C ALA B 65 2.33 -0.71 -27.50
N VAL B 66 2.43 -0.34 -26.24
CA VAL B 66 3.46 0.58 -25.78
C VAL B 66 4.19 -0.01 -24.58
N SER B 67 5.46 0.34 -24.47
CA SER B 67 6.31 -0.01 -23.36
C SER B 67 6.76 1.29 -22.69
N LEU B 68 6.47 1.43 -21.39
CA LEU B 68 6.68 2.67 -20.66
C LEU B 68 7.96 2.59 -19.85
N CYS B 69 8.89 3.50 -20.14
CA CYS B 69 10.21 3.46 -19.55
C CYS B 69 10.58 4.76 -18.83
N ALA B 70 9.64 5.68 -18.70
CA ALA B 70 9.90 6.97 -18.07
C ALA B 70 9.88 6.80 -16.56
N PRO B 71 10.12 7.86 -15.79
CA PRO B 71 10.12 7.72 -14.34
C PRO B 71 8.74 7.34 -13.83
N PRO B 72 8.66 6.71 -12.66
CA PRO B 72 7.37 6.21 -12.19
C PRO B 72 6.36 7.30 -11.89
N GLN B 73 6.79 8.54 -11.66
CA GLN B 73 5.85 9.59 -11.29
C GLN B 73 4.92 9.97 -12.42
N VAL B 74 5.27 9.67 -13.66
CA VAL B 74 4.39 9.93 -14.80
C VAL B 74 3.76 8.66 -15.34
N ARG B 75 4.01 7.52 -14.71
CA ARG B 75 3.58 6.23 -15.27
C ARG B 75 2.06 6.12 -15.33
N TYR B 76 1.34 6.60 -14.31
CA TYR B 76 -0.11 6.38 -14.30
C TYR B 76 -0.78 7.11 -15.45
N ALA B 77 -0.45 8.40 -15.63
CA ALA B 77 -1.09 9.18 -16.68
C ALA B 77 -0.78 8.59 -18.05
N GLN B 78 0.45 8.11 -18.25
CA GLN B 78 0.82 7.53 -19.53
C GLN B 78 0.11 6.20 -19.76
N ALA B 79 0.11 5.32 -18.76
CA ALA B 79 -0.54 4.03 -18.93
C ALA B 79 -2.04 4.18 -19.12
N ARG B 80 -2.66 5.11 -18.37
CA ARG B 80 -4.08 5.35 -18.54
C ARG B 80 -4.39 5.83 -19.96
N ALA B 81 -3.60 6.78 -20.46
CA ALA B 81 -3.85 7.27 -21.80
C ALA B 81 -3.69 6.15 -22.82
N ALA B 82 -2.67 5.32 -22.64
CA ALA B 82 -2.44 4.24 -23.60
C ALA B 82 -3.58 3.22 -23.57
N LEU B 83 -3.99 2.80 -22.36
CA LEU B 83 -5.13 1.88 -22.27
C LEU B 83 -6.40 2.51 -22.83
N GLU B 84 -6.66 3.79 -22.54
CA GLU B 84 -7.84 4.45 -23.09
C GLU B 84 -7.80 4.49 -24.60
N ALA B 85 -6.60 4.62 -25.19
CA ALA B 85 -6.43 4.63 -26.64
C ALA B 85 -6.43 3.24 -27.25
N GLY B 86 -6.52 2.18 -26.44
CA GLY B 86 -6.64 0.84 -26.96
C GLY B 86 -5.35 0.06 -27.15
N LYS B 87 -4.28 0.42 -26.43
CA LYS B 87 -2.99 -0.24 -26.55
C LYS B 87 -2.72 -1.17 -25.37
N HIS B 88 -2.08 -2.30 -25.64
CA HIS B 88 -1.47 -3.10 -24.59
C HIS B 88 -0.33 -2.31 -23.97
N VAL B 89 -0.04 -2.59 -22.69
CA VAL B 89 0.88 -1.73 -21.94
C VAL B 89 1.84 -2.57 -21.11
N MET B 90 3.12 -2.31 -21.30
CA MET B 90 4.20 -2.86 -20.50
C MET B 90 4.76 -1.75 -19.64
N LEU B 91 4.93 -2.02 -18.35
CA LEU B 91 5.39 -1.05 -17.36
C LEU B 91 6.78 -1.42 -16.86
N GLU B 92 7.71 -0.47 -16.91
CA GLU B 92 8.92 -0.62 -16.11
C GLU B 92 8.55 -0.69 -14.63
N LYS B 93 9.55 -1.11 -13.81
CA LYS B 93 9.25 -1.07 -12.39
C LYS B 93 9.70 0.27 -11.80
N PRO B 94 9.12 0.70 -10.68
CA PRO B 94 7.92 0.12 -10.07
C PRO B 94 6.74 0.40 -10.99
N PRO B 95 5.68 -0.41 -10.93
CA PRO B 95 4.57 -0.24 -11.88
C PRO B 95 3.80 1.06 -11.66
N GLY B 96 3.98 1.71 -10.52
CA GLY B 96 3.38 3.01 -10.30
C GLY B 96 4.11 3.70 -9.17
N ALA B 97 3.74 4.97 -8.95
CA ALA B 97 4.19 5.72 -7.77
C ALA B 97 3.33 5.42 -6.54
N THR B 98 2.17 4.80 -6.74
CA THR B 98 1.25 4.43 -5.66
C THR B 98 0.67 3.07 -6.00
N LEU B 99 0.07 2.44 -4.99
CA LEU B 99 -0.61 1.17 -5.22
C LEU B 99 -1.98 1.39 -5.86
N GLY B 100 -2.73 2.41 -5.43
CA GLY B 100 -4.05 2.61 -6.01
C GLY B 100 -3.99 2.78 -7.52
N GLU B 101 -2.97 3.49 -8.01
CA GLU B 101 -2.93 3.70 -9.46
C GLU B 101 -2.74 2.40 -10.21
N VAL B 102 -1.96 1.47 -9.66
CA VAL B 102 -1.76 0.19 -10.35
C VAL B 102 -3.03 -0.64 -10.33
N ALA B 103 -3.77 -0.63 -9.21
CA ALA B 103 -5.04 -1.33 -9.17
C ALA B 103 -6.01 -0.77 -10.20
N VAL B 104 -6.07 0.55 -10.33
CA VAL B 104 -6.97 1.17 -11.31
C VAL B 104 -6.56 0.80 -12.73
N LEU B 105 -5.26 0.82 -13.03
CA LEU B 105 -4.81 0.45 -14.36
C LEU B 105 -5.14 -1.00 -14.68
N GLU B 106 -4.93 -1.91 -13.72
CA GLU B 106 -5.25 -3.32 -13.95
C GLU B 106 -6.74 -3.50 -14.22
N ALA B 107 -7.59 -2.82 -13.45
CA ALA B 107 -9.04 -2.92 -13.67
C ALA B 107 -9.41 -2.36 -15.05
N LEU B 108 -8.83 -1.22 -15.43
CA LEU B 108 -9.12 -0.66 -16.74
C LEU B 108 -8.67 -1.58 -17.86
N ALA B 109 -7.46 -2.16 -17.75
CA ALA B 109 -7.00 -3.07 -18.78
C ALA B 109 -7.92 -4.29 -18.89
N ARG B 110 -8.31 -4.85 -17.74
CA ARG B 110 -9.21 -6.01 -17.76
C ARG B 110 -10.55 -5.68 -18.40
N GLU B 111 -11.12 -4.51 -18.08
CA GLU B 111 -12.39 -4.09 -18.67
C GLU B 111 -12.30 -3.90 -20.18
N ARG B 112 -11.16 -3.41 -20.67
CA ARG B 112 -11.02 -3.15 -22.10
C ARG B 112 -10.48 -4.35 -22.87
N GLY B 113 -10.11 -5.42 -22.20
CA GLY B 113 -9.57 -6.58 -22.88
C GLY B 113 -8.16 -6.36 -23.40
N LEU B 114 -7.33 -5.66 -22.63
CA LEU B 114 -5.97 -5.33 -23.04
C LEU B 114 -5.00 -5.93 -22.04
N THR B 115 -3.79 -6.23 -22.52
CA THR B 115 -2.73 -6.76 -21.67
C THR B 115 -2.04 -5.63 -20.93
N LEU B 116 -1.96 -5.76 -19.61
CA LEU B 116 -1.12 -4.93 -18.76
C LEU B 116 -0.07 -5.82 -18.12
N PHE B 117 1.20 -5.42 -18.21
CA PHE B 117 2.31 -6.22 -17.71
C PHE B 117 3.17 -5.34 -16.82
N ALA B 118 3.08 -5.56 -15.50
CA ALA B 118 4.00 -4.93 -14.56
C ALA B 118 5.28 -5.75 -14.54
N THR B 119 6.34 -5.22 -15.15
CA THR B 119 7.60 -5.97 -15.22
C THR B 119 8.45 -5.80 -13.99
N TRP B 120 9.28 -6.80 -13.73
CA TRP B 120 10.30 -6.81 -12.68
C TRP B 120 11.53 -7.45 -13.31
N HIS B 121 12.39 -6.63 -13.90
CA HIS B 121 13.47 -7.21 -14.69
C HIS B 121 14.32 -8.18 -13.89
N SER B 122 14.55 -7.90 -12.61
CA SER B 122 15.40 -8.78 -11.81
C SER B 122 14.79 -10.17 -11.62
N ARG B 123 13.46 -10.31 -11.72
CA ARG B 123 12.85 -11.62 -11.64
C ARG B 123 13.24 -12.52 -12.79
N CYS B 124 13.75 -11.95 -13.88
CA CYS B 124 14.20 -12.69 -15.04
C CYS B 124 15.69 -13.01 -15.00
N ALA B 125 16.38 -12.59 -13.95
CA ALA B 125 17.77 -12.98 -13.78
C ALA B 125 17.88 -14.51 -13.67
N SER B 126 19.01 -15.05 -14.15
CA SER B 126 19.09 -16.49 -14.37
C SER B 126 19.05 -17.33 -13.10
N ALA B 127 19.39 -16.77 -11.94
CA ALA B 127 19.36 -17.56 -10.72
C ALA B 127 17.97 -17.71 -10.12
N VAL B 128 16.98 -16.96 -10.59
CA VAL B 128 15.75 -16.81 -9.83
C VAL B 128 14.91 -18.07 -9.91
N GLU B 129 14.68 -18.60 -11.11
CA GLU B 129 13.84 -19.77 -11.23
C GLU B 129 14.50 -21.01 -10.60
N PRO B 130 15.78 -21.29 -10.83
CA PRO B 130 16.42 -22.40 -10.10
C PRO B 130 16.34 -22.24 -8.58
N ALA B 131 16.45 -21.01 -8.07
CA ALA B 131 16.34 -20.79 -6.63
C ALA B 131 14.91 -21.05 -6.15
N ARG B 132 13.92 -20.56 -6.91
CA ARG B 132 12.52 -20.77 -6.56
C ARG B 132 12.19 -22.26 -6.50
N GLU B 133 12.68 -23.03 -7.47
CA GLU B 133 12.38 -24.45 -7.47
C GLU B 133 13.07 -25.16 -6.31
N TRP B 134 14.32 -24.81 -6.03
CA TRP B 134 15.05 -25.46 -4.94
C TRP B 134 14.41 -25.16 -3.59
N LEU B 135 13.89 -23.95 -3.40
CA LEU B 135 13.33 -23.53 -2.13
C LEU B 135 11.87 -23.92 -1.92
N ALA B 136 11.19 -24.43 -2.95
CA ALA B 136 9.75 -24.66 -2.83
C ALA B 136 9.42 -25.70 -1.78
N THR B 137 10.22 -26.76 -1.66
CA THR B 137 9.90 -27.90 -0.82
C THR B 137 10.75 -27.99 0.43
N ARG B 138 11.45 -26.92 0.80
CA ARG B 138 12.49 -27.00 1.80
C ARG B 138 12.17 -26.13 3.01
N ALA B 139 12.71 -26.54 4.16
CA ALA B 139 12.50 -25.85 5.42
C ALA B 139 13.44 -24.64 5.47
N ILE B 140 12.87 -23.46 5.46
CA ILE B 140 13.65 -22.23 5.42
C ILE B 140 13.81 -21.69 6.84
N ARG B 141 15.02 -21.25 7.16
CA ARG B 141 15.34 -20.79 8.51
C ARG B 141 15.49 -19.28 8.62
N ALA B 142 16.05 -18.61 7.62
CA ALA B 142 16.27 -17.18 7.67
C ALA B 142 16.69 -16.69 6.29
N VAL B 143 16.43 -15.41 6.03
CA VAL B 143 16.82 -14.77 4.79
C VAL B 143 17.51 -13.46 5.11
N GLN B 144 18.61 -13.19 4.43
CA GLN B 144 19.34 -11.94 4.57
C GLN B 144 19.56 -11.34 3.19
N VAL B 145 19.18 -10.07 3.02
CA VAL B 145 19.38 -9.33 1.77
C VAL B 145 20.37 -8.22 2.04
N ARG B 146 21.38 -8.08 1.17
CA ARG B 146 22.31 -6.96 1.21
C ARG B 146 22.40 -6.37 -0.19
N TRP B 147 21.91 -5.15 -0.34
CA TRP B 147 21.81 -4.50 -1.65
C TRP B 147 22.42 -3.12 -1.47
N LYS B 148 23.70 -3.01 -1.83
CA LYS B 148 24.50 -1.83 -1.53
C LYS B 148 25.29 -1.43 -2.77
N GLU B 149 25.13 -0.18 -3.19
CA GLU B 149 25.86 0.35 -4.34
C GLU B 149 25.97 1.85 -4.15
N ASP B 150 26.99 2.45 -4.76
CA ASP B 150 27.16 3.90 -4.67
C ASP B 150 26.22 4.54 -5.70
N VAL B 151 25.22 5.29 -5.23
CA VAL B 151 24.29 5.93 -6.15
C VAL B 151 25.03 6.81 -7.17
N ARG B 152 26.15 7.42 -6.78
CA ARG B 152 26.88 8.27 -7.73
C ARG B 152 27.54 7.48 -8.84
N ARG B 153 27.81 6.20 -8.63
CA ARG B 153 28.36 5.33 -9.67
C ARG B 153 27.28 4.72 -10.53
N TRP B 154 26.16 4.32 -9.91
CA TRP B 154 25.15 3.52 -10.59
C TRP B 154 23.97 4.33 -11.11
N HIS B 155 23.75 5.51 -10.57
CA HIS B 155 22.68 6.39 -11.05
C HIS B 155 23.21 7.82 -11.12
N PRO B 156 24.30 8.04 -11.85
CA PRO B 156 24.90 9.37 -11.87
C PRO B 156 23.95 10.38 -12.49
N GLY B 157 23.80 11.51 -11.80
CA GLY B 157 23.03 12.62 -12.36
C GLY B 157 21.54 12.41 -12.47
N GLN B 158 21.00 11.40 -11.82
CA GLN B 158 19.55 11.18 -11.81
C GLN B 158 18.92 11.99 -10.68
N GLN B 159 17.76 12.58 -10.98
CA GLN B 159 17.08 13.42 -10.00
C GLN B 159 15.70 12.93 -9.59
N TRP B 160 15.00 12.19 -10.46
CA TRP B 160 13.65 11.73 -10.13
C TRP B 160 13.68 10.80 -8.93
N ILE B 161 14.82 10.13 -8.71
CA ILE B 161 14.99 9.21 -7.60
C ILE B 161 14.88 9.90 -6.26
N TRP B 162 15.09 11.22 -6.23
CA TRP B 162 15.09 11.99 -5.00
C TRP B 162 13.79 12.74 -4.76
N GLU B 163 12.86 12.69 -5.70
CA GLU B 163 11.62 13.45 -5.67
C GLU B 163 10.51 12.56 -5.14
N PRO B 164 9.45 13.15 -4.58
CA PRO B 164 8.33 12.34 -4.08
C PRO B 164 7.90 11.32 -5.12
N GLY B 165 7.70 10.08 -4.67
CA GLY B 165 7.36 8.99 -5.56
C GLY B 165 8.52 8.33 -6.27
N GLY B 166 9.75 8.76 -6.02
CA GLY B 166 10.90 8.27 -6.74
C GLY B 166 11.68 7.17 -6.04
N LEU B 167 11.22 6.73 -4.88
CA LEU B 167 11.71 5.56 -4.15
C LEU B 167 13.07 5.68 -3.48
N GLY B 168 13.94 6.59 -3.95
CA GLY B 168 15.30 6.62 -3.43
C GLY B 168 15.95 5.26 -3.56
N VAL B 169 16.59 4.81 -2.48
CA VAL B 169 17.31 3.55 -2.49
C VAL B 169 16.38 2.36 -2.70
N PHE B 170 15.07 2.55 -2.57
CA PHE B 170 14.18 1.46 -2.93
C PHE B 170 14.03 1.30 -4.43
N ASP B 171 14.60 2.21 -5.23
CA ASP B 171 14.69 1.97 -6.67
C ASP B 171 15.47 0.68 -6.96
N PRO B 172 16.73 0.54 -6.53
CA PRO B 172 17.36 -0.79 -6.64
C PRO B 172 16.81 -1.79 -5.63
N GLY B 173 16.41 -1.33 -4.44
CA GLY B 173 16.00 -2.25 -3.41
C GLY B 173 14.77 -3.04 -3.79
N ILE B 174 13.85 -2.43 -4.53
CA ILE B 174 12.66 -3.15 -4.95
C ILE B 174 13.00 -4.26 -5.94
N ASN B 175 14.14 -4.17 -6.63
CA ASN B 175 14.59 -5.29 -7.44
C ASN B 175 14.89 -6.50 -6.57
N ALA B 176 15.61 -6.29 -5.47
CA ALA B 176 15.86 -7.36 -4.51
C ALA B 176 14.55 -7.91 -3.97
N LEU B 177 13.61 -7.01 -3.64
CA LEU B 177 12.33 -7.48 -3.12
C LEU B 177 11.56 -8.26 -4.18
N SER B 178 11.72 -7.89 -5.46
CA SER B 178 11.02 -8.65 -6.50
C SER B 178 11.58 -10.06 -6.62
N ILE B 179 12.88 -10.24 -6.37
CA ILE B 179 13.46 -11.58 -6.37
C ILE B 179 13.01 -12.35 -5.15
N VAL B 180 13.11 -11.74 -3.97
CA VAL B 180 12.73 -12.42 -2.73
C VAL B 180 11.28 -12.91 -2.79
N THR B 181 10.35 -12.06 -3.23
CA THR B 181 8.94 -12.46 -3.27
C THR B 181 8.68 -13.52 -4.33
N ARG B 182 9.55 -13.67 -5.33
CA ARG B 182 9.37 -14.72 -6.33
C ARG B 182 9.96 -16.05 -5.85
N ILE B 183 11.07 -16.03 -5.12
CA ILE B 183 11.70 -17.29 -4.73
C ILE B 183 11.16 -17.85 -3.42
N LEU B 184 10.60 -17.00 -2.55
CA LEU B 184 10.12 -17.54 -1.28
C LEU B 184 8.68 -18.03 -1.41
N PRO B 185 8.34 -19.13 -0.76
CA PRO B 185 7.00 -19.70 -0.94
C PRO B 185 5.89 -19.00 -0.17
N ARG B 186 6.21 -18.23 0.87
CA ARG B 186 5.20 -17.60 1.70
C ARG B 186 5.33 -16.08 1.70
N GLU B 187 4.21 -15.42 2.00
CA GLU B 187 4.14 -13.97 2.00
C GLU B 187 4.90 -13.37 3.18
N LEU B 188 5.29 -12.10 3.03
CA LEU B 188 6.08 -11.38 4.01
C LEU B 188 5.27 -10.29 4.68
N VAL B 189 5.53 -10.11 5.97
CA VAL B 189 4.98 -9.02 6.77
C VAL B 189 6.13 -8.18 7.29
N LEU B 190 6.05 -6.87 7.08
CA LEU B 190 7.03 -5.92 7.59
C LEU B 190 6.78 -5.68 9.07
N ARG B 191 7.77 -5.97 9.91
CA ARG B 191 7.64 -5.74 11.34
C ARG B 191 8.29 -4.46 11.81
N GLU B 192 9.33 -3.99 11.11
CA GLU B 192 10.00 -2.77 11.48
C GLU B 192 10.80 -2.32 10.26
N ALA B 193 10.94 -1.01 10.09
CA ALA B 193 11.82 -0.47 9.06
C ALA B 193 12.40 0.85 9.54
N THR B 194 13.63 1.12 9.12
CA THR B 194 14.26 2.41 9.37
C THR B 194 14.70 2.99 8.03
N LEU B 195 14.33 4.24 7.77
CA LEU B 195 14.65 4.95 6.54
C LEU B 195 15.57 6.12 6.87
N ILE B 196 16.71 6.20 6.19
CA ILE B 196 17.68 7.26 6.39
C ILE B 196 17.52 8.24 5.24
N VAL B 197 17.14 9.48 5.54
CA VAL B 197 16.75 10.45 4.51
C VAL B 197 17.64 11.69 4.59
N PRO B 198 18.49 11.92 3.59
CA PRO B 198 19.26 13.17 3.53
C PRO B 198 18.35 14.38 3.55
N SER B 199 18.83 15.44 4.21
CA SER B 199 18.01 16.63 4.43
C SER B 199 17.62 17.36 3.14
N ASP B 200 18.27 17.09 2.01
CA ASP B 200 17.98 17.79 0.77
C ASP B 200 17.23 16.94 -0.24
N VAL B 201 16.73 15.76 0.17
CA VAL B 201 15.97 14.90 -0.71
C VAL B 201 14.71 14.45 0.00
N GLN B 202 13.82 13.85 -0.77
CA GLN B 202 12.53 13.42 -0.24
C GLN B 202 12.45 11.92 -0.03
N THR B 203 13.40 11.15 -0.54
CA THR B 203 13.38 9.71 -0.45
C THR B 203 14.61 9.19 0.31
N PRO B 204 14.58 7.95 0.80
CA PRO B 204 15.72 7.45 1.59
C PRO B 204 16.95 7.11 0.75
N ILE B 205 18.11 7.37 1.35
CA ILE B 205 19.38 6.90 0.79
C ILE B 205 19.81 5.57 1.38
N ALA B 206 19.22 5.14 2.48
CA ALA B 206 19.52 3.84 3.08
C ALA B 206 18.29 3.39 3.84
N ALA B 207 18.14 2.07 3.97
CA ALA B 207 17.00 1.55 4.69
C ALA B 207 17.33 0.17 5.23
N GLU B 208 16.68 -0.17 6.33
CA GLU B 208 16.74 -1.51 6.89
C GLU B 208 15.31 -1.98 7.06
N LEU B 209 15.03 -3.21 6.63
CA LEU B 209 13.72 -3.83 6.79
C LEU B 209 13.84 -5.08 7.64
N ASP B 210 12.94 -5.23 8.61
CA ASP B 210 12.83 -6.46 9.39
C ASP B 210 11.46 -7.04 9.08
N CYS B 211 11.45 -8.17 8.39
CA CYS B 211 10.22 -8.82 7.98
C CYS B 211 10.17 -10.23 8.55
N ALA B 212 8.99 -10.83 8.45
CA ALA B 212 8.80 -12.23 8.78
C ALA B 212 7.85 -12.82 7.76
N ASP B 213 8.11 -14.04 7.32
CA ASP B 213 7.09 -14.68 6.50
C ASP B 213 6.01 -15.23 7.42
N THR B 214 5.04 -15.90 6.82
CA THR B 214 3.87 -16.33 7.57
C THR B 214 4.13 -17.61 8.38
N ASP B 215 5.31 -18.20 8.26
CA ASP B 215 5.76 -19.21 9.20
C ASP B 215 6.69 -18.64 10.26
N GLY B 216 6.87 -17.33 10.30
CA GLY B 216 7.76 -16.72 11.26
C GLY B 216 9.22 -16.67 10.84
N VAL B 217 9.53 -17.05 9.60
CA VAL B 217 10.93 -16.99 9.16
C VAL B 217 11.39 -15.53 9.13
N PRO B 218 12.48 -15.19 9.79
CA PRO B 218 12.96 -13.80 9.74
C PRO B 218 13.57 -13.47 8.39
N VAL B 219 13.14 -12.36 7.81
CA VAL B 219 13.66 -11.88 6.53
C VAL B 219 14.15 -10.46 6.73
N ARG B 220 15.47 -10.26 6.71
CA ARG B 220 16.08 -8.97 6.98
C ARG B 220 16.73 -8.44 5.71
N ALA B 221 16.66 -7.13 5.52
CA ALA B 221 17.20 -6.50 4.32
C ALA B 221 17.90 -5.21 4.69
N GLU B 222 19.06 -4.98 4.07
CA GLU B 222 19.81 -3.74 4.19
C GLU B 222 20.02 -3.18 2.79
N PHE B 223 19.54 -1.96 2.56
CA PHE B 223 19.71 -1.23 1.30
C PHE B 223 20.53 0.02 1.59
N ASP B 224 21.56 0.27 0.78
CA ASP B 224 22.36 1.45 1.06
C ASP B 224 22.94 2.00 -0.24
N TRP B 225 22.68 3.29 -0.47
CA TRP B 225 23.18 4.02 -1.62
C TRP B 225 24.36 4.91 -1.29
N ARG B 226 24.80 4.95 -0.03
CA ARG B 226 25.94 5.77 0.33
C ARG B 226 27.23 5.08 -0.10
N HIS B 227 28.28 5.87 -0.30
CA HIS B 227 29.56 5.26 -0.59
C HIS B 227 30.01 4.38 0.57
N GLY B 228 30.44 3.16 0.25
CA GLY B 228 30.88 2.22 1.25
C GLY B 228 32.02 1.36 0.73
N PRO B 229 32.52 0.45 1.56
CA PRO B 229 33.67 -0.37 1.13
C PRO B 229 33.32 -1.42 0.11
N VAL B 230 32.05 -1.82 -0.02
CA VAL B 230 31.68 -2.93 -0.88
C VAL B 230 30.37 -2.61 -1.59
N GLU B 231 30.32 -2.95 -2.87
CA GLU B 231 29.08 -2.98 -3.63
C GLU B 231 28.68 -4.44 -3.76
N GLN B 232 27.41 -4.74 -3.48
CA GLN B 232 26.98 -6.13 -3.43
C GLN B 232 25.48 -6.18 -3.65
N TRP B 233 25.03 -7.23 -4.31
CA TRP B 233 23.62 -7.43 -4.61
C TRP B 233 23.34 -8.91 -4.30
N GLU B 234 23.07 -9.17 -3.01
CA GLU B 234 23.10 -10.53 -2.46
C GLU B 234 21.79 -10.85 -1.75
N ILE B 235 21.33 -12.08 -1.94
CA ILE B 235 20.23 -12.66 -1.17
C ILE B 235 20.68 -14.02 -0.69
N ALA B 236 20.68 -14.22 0.62
CA ALA B 236 21.09 -15.48 1.24
C ALA B 236 19.89 -16.09 1.96
N VAL B 237 19.57 -17.35 1.64
CA VAL B 237 18.49 -18.07 2.28
C VAL B 237 19.08 -19.28 3.02
N ASP B 238 18.97 -19.28 4.34
CA ASP B 238 19.44 -20.39 5.15
C ASP B 238 18.34 -21.45 5.24
N THR B 239 18.70 -22.70 4.95
CA THR B 239 17.76 -23.81 5.03
C THR B 239 18.40 -24.96 5.79
N ALA B 240 17.57 -25.95 6.13
CA ALA B 240 18.07 -27.17 6.75
C ALA B 240 18.93 -28.00 5.81
N ASP B 241 18.97 -27.65 4.52
CA ASP B 241 19.80 -28.34 3.53
C ASP B 241 20.96 -27.48 3.04
N GLY B 242 21.31 -26.42 3.77
CA GLY B 242 22.41 -25.56 3.41
C GLY B 242 21.92 -24.19 2.97
N VAL B 243 22.88 -23.34 2.67
CA VAL B 243 22.61 -21.95 2.31
C VAL B 243 22.44 -21.84 0.79
N LEU B 244 21.36 -21.19 0.36
CA LEU B 244 21.19 -20.77 -1.01
C LEU B 244 21.63 -19.32 -1.12
N ALA B 245 22.60 -19.05 -1.99
CA ALA B 245 23.24 -17.75 -2.08
C ALA B 245 23.10 -17.20 -3.49
N ILE B 246 22.26 -16.19 -3.64
CA ILE B 246 22.14 -15.42 -4.87
C ILE B 246 23.04 -14.21 -4.75
N SER B 247 23.81 -13.94 -5.81
CA SER B 247 24.66 -12.76 -5.82
C SER B 247 24.67 -12.19 -7.24
N ARG B 248 25.41 -11.10 -7.42
CA ARG B 248 25.44 -10.41 -8.70
C ARG B 248 24.03 -10.09 -9.19
N GLY B 249 23.17 -9.73 -8.23
CA GLY B 249 21.83 -9.29 -8.54
C GLY B 249 20.94 -10.34 -9.17
N GLY B 250 21.30 -11.62 -9.04
CA GLY B 250 20.57 -12.70 -9.67
C GLY B 250 21.32 -13.41 -10.77
N ALA B 251 22.53 -12.96 -11.10
CA ALA B 251 23.31 -13.57 -12.16
C ALA B 251 24.28 -14.62 -11.65
N GLN B 252 24.29 -14.90 -10.36
CA GLN B 252 25.20 -15.87 -9.77
C GLN B 252 24.47 -16.61 -8.67
N LEU B 253 24.72 -17.92 -8.56
CA LEU B 253 23.98 -18.75 -7.62
C LEU B 253 24.88 -19.86 -7.09
N SER B 254 24.84 -20.06 -5.78
CA SER B 254 25.44 -21.23 -5.16
C SER B 254 24.43 -21.86 -4.21
N ILE B 255 24.49 -23.19 -4.09
CA ILE B 255 23.55 -23.94 -3.27
C ILE B 255 24.35 -24.91 -2.42
N ALA B 256 24.22 -24.78 -1.10
CA ALA B 256 24.96 -25.59 -0.14
C ALA B 256 26.47 -25.50 -0.36
N GLY B 257 26.93 -24.33 -0.82
CA GLY B 257 28.33 -24.10 -1.08
C GLY B 257 28.78 -24.41 -2.49
N GLU B 258 27.92 -24.99 -3.31
CA GLU B 258 28.35 -25.40 -4.65
C GLU B 258 27.80 -24.46 -5.71
N PRO B 259 28.64 -23.93 -6.60
CA PRO B 259 28.14 -23.08 -7.67
C PRO B 259 27.16 -23.85 -8.57
N VAL B 260 26.16 -23.13 -9.07
CA VAL B 260 25.15 -23.68 -9.96
C VAL B 260 25.32 -23.02 -11.31
N GLU B 261 25.45 -23.84 -12.36
CA GLU B 261 25.57 -23.29 -13.70
C GLU B 261 24.22 -22.71 -14.14
N LEU B 262 24.29 -21.52 -14.73
CA LEU B 262 23.10 -20.76 -15.11
C LEU B 262 23.13 -20.43 -16.59
N GLY B 263 21.94 -20.22 -17.15
CA GLY B 263 21.82 -19.66 -18.48
C GLY B 263 22.30 -18.23 -18.49
N PRO B 264 22.64 -17.70 -19.66
CA PRO B 264 23.17 -16.33 -19.73
C PRO B 264 22.11 -15.31 -19.34
N GLU B 265 22.58 -14.14 -18.90
CA GLU B 265 21.70 -13.08 -18.47
C GLU B 265 21.00 -12.46 -19.69
N ARG B 266 19.68 -12.44 -19.65
CA ARG B 266 18.88 -11.87 -20.73
C ARG B 266 17.56 -11.36 -20.14
N GLU B 267 17.68 -10.47 -19.14
CA GLU B 267 16.51 -10.02 -18.40
C GLU B 267 15.48 -9.35 -19.32
N TYR B 268 15.93 -8.39 -20.13
CA TYR B 268 14.96 -7.65 -20.93
C TYR B 268 14.50 -8.45 -22.15
N PRO B 269 15.36 -9.25 -22.80
CA PRO B 269 14.82 -10.21 -23.77
C PRO B 269 13.74 -11.11 -23.19
N ALA B 270 13.92 -11.56 -21.93
CA ALA B 270 12.91 -12.41 -21.31
C ALA B 270 11.63 -11.64 -21.04
N LEU B 271 11.74 -10.37 -20.64
CA LEU B 271 10.57 -9.55 -20.38
C LEU B 271 9.75 -9.36 -21.66
N TYR B 272 10.42 -9.01 -22.76
CA TYR B 272 9.67 -8.77 -23.99
C TYR B 272 9.09 -10.05 -24.56
N ALA B 273 9.80 -11.17 -24.41
CA ALA B 273 9.22 -12.45 -24.81
C ALA B 273 7.93 -12.74 -24.04
N HIS B 274 7.92 -12.44 -22.73
CA HIS B 274 6.74 -12.70 -21.92
C HIS B 274 5.61 -11.74 -22.27
N PHE B 275 5.94 -10.47 -22.51
CA PHE B 275 4.94 -9.50 -22.97
C PHE B 275 4.26 -9.99 -24.23
N HIS B 276 5.05 -10.47 -25.19
CA HIS B 276 4.47 -10.98 -26.43
C HIS B 276 3.54 -12.16 -26.15
N ALA B 277 3.94 -13.03 -25.23
CA ALA B 277 3.12 -14.20 -24.92
C ALA B 277 1.84 -13.80 -24.20
N LEU B 278 1.93 -12.84 -23.27
CA LEU B 278 0.74 -12.33 -22.60
C LEU B 278 -0.25 -11.74 -23.60
N ILE B 279 0.24 -10.92 -24.54
CA ILE B 279 -0.63 -10.37 -25.57
C ILE B 279 -1.27 -11.51 -26.37
N ALA B 280 -0.46 -12.49 -26.76
CA ALA B 280 -0.95 -13.58 -27.60
C ALA B 280 -2.05 -14.36 -26.90
N ARG B 281 -1.96 -14.51 -25.58
CA ARG B 281 -2.91 -15.31 -24.82
C ARG B 281 -4.02 -14.49 -24.20
N GLY B 282 -4.05 -13.18 -24.43
CA GLY B 282 -5.12 -12.37 -23.85
C GLY B 282 -5.04 -12.24 -22.35
N GLU B 283 -3.83 -12.14 -21.80
CA GLU B 283 -3.63 -12.15 -20.36
C GLU B 283 -2.89 -10.91 -19.89
N SER B 284 -3.00 -10.64 -18.60
CA SER B 284 -2.20 -9.64 -17.92
C SER B 284 -1.36 -10.30 -16.84
N ASP B 285 -0.41 -9.53 -16.31
CA ASP B 285 0.54 -10.02 -15.32
C ASP B 285 0.91 -8.81 -14.47
N VAL B 286 0.26 -8.68 -13.32
CA VAL B 286 0.44 -7.50 -12.48
C VAL B 286 0.65 -7.92 -11.02
N ASP B 287 1.90 -8.17 -10.66
CA ASP B 287 2.26 -8.54 -9.30
C ASP B 287 2.79 -7.29 -8.63
N VAL B 288 2.02 -6.73 -7.69
CA VAL B 288 2.44 -5.53 -6.98
C VAL B 288 3.05 -5.80 -5.63
N ARG B 289 3.22 -7.07 -5.25
CA ARG B 289 3.71 -7.35 -3.91
C ARG B 289 5.03 -6.67 -3.59
N PRO B 290 6.01 -6.59 -4.50
CA PRO B 290 7.24 -5.83 -4.15
C PRO B 290 6.95 -4.37 -3.84
N LEU B 291 6.02 -3.75 -4.56
CA LEU B 291 5.67 -2.36 -4.29
C LEU B 291 4.87 -2.23 -2.99
N ARG B 292 4.02 -3.21 -2.68
CA ARG B 292 3.29 -3.17 -1.43
C ARG B 292 4.25 -3.21 -0.24
N LEU B 293 5.33 -3.99 -0.34
CA LEU B 293 6.30 -4.04 0.75
C LEU B 293 7.02 -2.70 0.91
N VAL B 294 7.34 -2.05 -0.21
CA VAL B 294 7.94 -0.73 -0.14
C VAL B 294 6.96 0.28 0.44
N ALA B 295 5.70 0.24 0.00
CA ALA B 295 4.70 1.14 0.59
C ALA B 295 4.63 0.94 2.09
N ASP B 296 4.68 -0.32 2.55
CA ASP B 296 4.64 -0.58 3.98
C ASP B 296 5.85 0.02 4.69
N ALA B 297 7.02 -0.02 4.05
CA ALA B 297 8.19 0.60 4.66
C ALA B 297 8.04 2.12 4.77
N PHE B 298 7.44 2.75 3.76
CA PHE B 298 7.24 4.21 3.83
C PHE B 298 6.14 4.57 4.81
N LEU B 299 5.16 3.70 5.01
CA LEU B 299 4.08 3.97 5.93
C LEU B 299 4.49 3.73 7.38
N PHE B 300 5.20 2.62 7.64
CA PHE B 300 5.51 2.13 8.98
C PHE B 300 6.92 2.48 9.43
N GLY B 301 7.80 2.85 8.51
CA GLY B 301 9.21 2.98 8.86
C GLY B 301 9.49 4.23 9.67
N ARG B 302 10.43 4.08 10.60
CA ARG B 302 10.98 5.24 11.30
C ARG B 302 11.93 6.00 10.37
N ARG B 303 11.82 7.31 10.36
CA ARG B 303 12.64 8.14 9.49
C ARG B 303 13.70 8.86 10.31
N VAL B 304 14.94 8.82 9.81
CA VAL B 304 16.09 9.44 10.45
C VAL B 304 16.72 10.38 9.44
N GLN B 305 16.81 11.66 9.79
CA GLN B 305 17.45 12.63 8.90
C GLN B 305 18.97 12.47 8.96
N THR B 306 19.61 12.68 7.81
CA THR B 306 21.06 12.66 7.75
C THR B 306 21.51 13.86 6.92
N ASP B 307 22.82 13.99 6.77
CA ASP B 307 23.37 15.16 6.08
C ASP B 307 22.92 15.18 4.62
N ALA B 308 22.97 16.38 4.04
CA ALA B 308 22.58 16.58 2.66
C ALA B 308 23.41 15.73 1.71
N PHE B 309 22.76 15.20 0.68
CA PHE B 309 23.45 14.41 -0.33
C PHE B 309 24.23 15.29 -1.31
N GLY B 310 23.64 16.41 -1.73
CA GLY B 310 24.29 17.28 -2.69
C GLY B 310 23.85 17.02 -4.10
N ARG B 311 22.87 17.79 -4.59
CA ARG B 311 22.26 17.49 -5.88
C ARG B 311 22.57 18.50 -6.97
P PO4 C . -10.55 7.93 16.26
O1 PO4 C . -11.36 7.55 17.47
O2 PO4 C . -9.09 7.71 16.50
O3 PO4 C . -11.03 7.13 15.07
O4 PO4 C . -10.77 9.40 15.93
P PO4 D . 17.12 -0.08 -12.12
O1 PO4 D . 16.13 -1.17 -11.77
O2 PO4 D . 18.39 -0.38 -11.35
O3 PO4 D . 17.44 -0.13 -13.59
O4 PO4 D . 16.62 1.28 -11.71
#